data_4CRW
#
_entry.id   4CRW
#
_cell.length_a   43.900
_cell.length_b   90.840
_cell.length_c   95.770
_cell.angle_alpha   90.00
_cell.angle_beta   90.00
_cell.angle_gamma   90.00
#
_symmetry.space_group_name_H-M   'P 21 21 21'
#
loop_
_entity.id
_entity.type
_entity.pdbx_description
1 polymer 'CCR4-NOT TRANSCRIPTION COMPLEX SUBUNIT 1'
2 polymer 'PROBABLE ATP-DEPENDENT RNA HELICASE DDX6'
3 non-polymer GLYCEROL
4 water water
#
loop_
_entity_poly.entity_id
_entity_poly.type
_entity_poly.pdbx_seq_one_letter_code
_entity_poly.pdbx_strand_id
1 'polypeptide(L)'
;GPHMLEENIQEKIAFIFNNLSQSNMTQKVEELKETVKEEFMPWVSQYLVMKRVSIEPNFHSLYSNFLDTLKNPEFNKMVL
NETYRNIKVLLTSDKAAANFSDRSLLKNLGHWLGMITLAKNKPILHTDLDVKSLLLEAYVKGQQELLYVVPFVAKVLESS
IRSVVFRPPNPWTMAIMNVLAELHQEHDLKLNLKFEIEVLCKNLALDINELKPGNLLKDKDRLKNLDEQLS
;
A
2 'polypeptide(L)'
;GPQDPKGVTQYYAYVTERQKVHCLNTLFSRLQINQSIIFCNSSQRVELLAKKISQLGYSCFYIHAKMRQEHRNRVFHDFR
NGLCRNLVCTDLFTRGIDIQAVNVVINFDFPKLAETYLHRIGRSGRFGHLGLAINLITYDDRFNLKSIEEQLGTEIKPIP
SNIDKSLYVAEYHSEPVEDEKP
;
B
#
# COMPACT_ATOMS: atom_id res chain seq x y z
N GLU A 6 -3.41 21.40 14.71
CA GLU A 6 -3.49 20.79 13.39
C GLU A 6 -2.53 19.61 13.29
N GLU A 7 -1.25 19.83 13.60
CA GLU A 7 -0.27 18.74 13.56
C GLU A 7 -0.67 17.63 14.52
N ASN A 8 -1.25 18.01 15.66
CA ASN A 8 -1.73 17.00 16.61
C ASN A 8 -2.83 16.15 16.00
N ILE A 9 -3.71 16.77 15.24
CA ILE A 9 -4.80 16.02 14.64
C ILE A 9 -4.31 15.13 13.46
N GLN A 10 -3.35 15.62 12.69
CA GLN A 10 -2.77 14.79 11.62
C GLN A 10 -2.08 13.56 12.20
N GLU A 11 -1.38 13.75 13.32
CA GLU A 11 -0.73 12.63 14.02
C GLU A 11 -1.72 11.56 14.41
N LYS A 12 -2.86 11.99 14.97
CA LYS A 12 -3.86 11.05 15.43
C LYS A 12 -4.43 10.27 14.23
N ILE A 13 -4.66 10.98 13.14
CA ILE A 13 -5.16 10.32 11.91
C ILE A 13 -4.19 9.25 11.41
N ALA A 14 -2.91 9.58 11.36
CA ALA A 14 -1.90 8.62 10.93
C ALA A 14 -1.86 7.42 11.87
N PHE A 15 -1.95 7.69 13.17
CA PHE A 15 -1.96 6.62 14.15
C PHE A 15 -3.13 5.69 13.92
N ILE A 16 -4.30 6.25 13.64
CA ILE A 16 -5.48 5.44 13.45
C ILE A 16 -5.32 4.54 12.19
N PHE A 17 -4.78 5.07 11.10
CA PHE A 17 -4.67 4.26 9.87
C PHE A 17 -3.52 3.29 9.99
N ASN A 18 -2.53 3.62 10.81
CA ASN A 18 -1.47 2.68 11.06
C ASN A 18 -1.93 1.47 11.88
N ASN A 19 -3.02 1.62 12.62
CA ASN A 19 -3.50 0.60 13.56
C ASN A 19 -4.88 0.13 13.23
N LEU A 20 -5.34 0.37 12.00
CA LEU A 20 -6.66 -0.08 11.59
C LEU A 20 -6.64 -1.55 11.17
N SER A 21 -7.57 -2.34 11.69
CA SER A 21 -7.74 -3.75 11.32
C SER A 21 -9.22 -4.05 11.17
N GLN A 22 -9.57 -5.17 10.56
CA GLN A 22 -10.98 -5.53 10.48
C GLN A 22 -11.60 -5.69 11.85
N SER A 23 -10.84 -6.19 12.81
CA SER A 23 -11.42 -6.51 14.09
C SER A 23 -11.67 -5.23 14.92
N ASN A 24 -10.90 -4.16 14.71
CA ASN A 24 -11.16 -2.92 15.47
C ASN A 24 -11.80 -1.83 14.64
N MET A 25 -12.27 -2.19 13.44
CA MET A 25 -12.78 -1.24 12.48
C MET A 25 -13.85 -0.30 13.06
N THR A 26 -14.85 -0.87 13.70
CA THR A 26 -15.98 -0.10 14.22
C THR A 26 -15.47 0.90 15.24
N GLN A 27 -14.60 0.42 16.13
CA GLN A 27 -14.04 1.31 17.16
C GLN A 27 -13.15 2.39 16.57
N LYS A 28 -12.29 2.04 15.61
CA LYS A 28 -11.44 3.06 14.97
C LYS A 28 -12.26 4.05 14.17
N VAL A 29 -13.34 3.59 13.52
CA VAL A 29 -14.19 4.56 12.84
C VAL A 29 -14.80 5.58 13.81
N GLU A 30 -15.27 5.13 14.97
CA GLU A 30 -15.83 6.03 15.98
C GLU A 30 -14.79 7.04 16.45
N GLU A 31 -13.56 6.56 16.65
CA GLU A 31 -12.46 7.42 17.07
C GLU A 31 -12.13 8.41 16.00
N LEU A 32 -12.17 8.00 14.72
CA LEU A 32 -11.88 8.94 13.66
C LEU A 32 -12.94 10.03 13.63
N LYS A 33 -14.21 9.64 13.78
CA LYS A 33 -15.31 10.60 13.75
C LYS A 33 -15.19 11.57 14.91
N GLU A 34 -14.72 11.08 16.05
CA GLU A 34 -14.50 11.96 17.22
C GLU A 34 -13.38 12.96 16.95
N THR A 35 -12.49 12.60 16.04
CA THR A 35 -11.25 13.31 15.80
C THR A 35 -11.34 14.29 14.64
N VAL A 36 -11.98 13.85 13.56
CA VAL A 36 -11.99 14.64 12.34
C VAL A 36 -13.30 15.41 12.22
N LYS A 37 -13.18 16.73 12.31
CA LYS A 37 -14.29 17.63 12.12
C LYS A 37 -14.50 17.82 10.62
N GLU A 38 -15.70 18.24 10.23
CA GLU A 38 -16.05 18.37 8.82
C GLU A 38 -14.95 19.11 8.03
N GLU A 39 -14.37 20.15 8.62
CA GLU A 39 -13.38 20.96 7.91
C GLU A 39 -12.08 20.21 7.65
N PHE A 40 -11.86 19.11 8.36
CA PHE A 40 -10.65 18.31 8.17
C PHE A 40 -10.80 17.19 7.14
N MET A 41 -12.03 16.91 6.70
CA MET A 41 -12.23 15.74 5.86
CA MET A 41 -12.33 15.79 5.80
C MET A 41 -11.51 15.85 4.51
N PRO A 42 -11.40 17.06 3.92
CA PRO A 42 -10.59 17.07 2.70
C PRO A 42 -9.12 16.62 2.90
N TRP A 43 -8.50 17.05 3.99
CA TRP A 43 -7.13 16.63 4.26
C TRP A 43 -7.07 15.12 4.47
N VAL A 44 -8.06 14.57 5.18
CA VAL A 44 -8.08 13.12 5.42
C VAL A 44 -8.24 12.36 4.11
N SER A 45 -9.04 12.88 3.18
CA SER A 45 -9.24 12.22 1.91
C SER A 45 -7.91 12.21 1.15
N GLN A 46 -7.19 13.32 1.19
CA GLN A 46 -5.91 13.41 0.50
C GLN A 46 -4.91 12.46 1.13
N TYR A 47 -4.89 12.41 2.47
CA TYR A 47 -4.00 11.51 3.17
C TYR A 47 -4.27 10.05 2.84
N LEU A 48 -5.53 9.63 2.93
CA LEU A 48 -5.90 8.25 2.62
C LEU A 48 -5.44 7.85 1.21
N VAL A 49 -5.74 8.68 0.22
CA VAL A 49 -5.42 8.32 -1.18
C VAL A 49 -3.93 8.39 -1.47
N MET A 50 -3.30 9.54 -1.17
CA MET A 50 -1.92 9.77 -1.54
C MET A 50 -0.96 8.93 -0.73
N LYS A 51 -1.17 8.85 0.59
CA LYS A 51 -0.21 8.17 1.46
C LYS A 51 -0.49 6.73 1.85
N ARG A 52 -1.74 6.27 1.71
CA ARG A 52 -2.09 4.91 2.10
C ARG A 52 -2.43 4.04 0.88
N VAL A 53 -3.57 4.33 0.26
CA VAL A 53 -4.09 3.55 -0.86
C VAL A 53 -3.08 3.41 -2.01
N SER A 54 -2.31 4.47 -2.26
CA SER A 54 -1.35 4.46 -3.34
CA SER A 54 -1.33 4.48 -3.32
C SER A 54 -0.22 3.47 -3.13
N ILE A 55 0.10 3.13 -1.87
CA ILE A 55 1.25 2.26 -1.65
C ILE A 55 0.95 1.05 -0.78
N GLU A 56 -0.33 0.83 -0.43
CA GLU A 56 -0.77 -0.28 0.42
C GLU A 56 -1.88 -1.09 -0.23
N PRO A 57 -1.58 -1.66 -1.39
CA PRO A 57 -2.63 -2.37 -2.10
C PRO A 57 -3.16 -3.60 -1.36
N ASN A 58 -2.34 -4.17 -0.48
CA ASN A 58 -2.78 -5.30 0.32
C ASN A 58 -3.92 -4.94 1.29
N PHE A 59 -4.05 -3.64 1.62
CA PHE A 59 -5.10 -3.16 2.51
C PHE A 59 -6.18 -2.38 1.77
N HIS A 60 -6.25 -2.53 0.44
CA HIS A 60 -7.35 -1.87 -0.25
C HIS A 60 -8.74 -2.36 0.24
N SER A 61 -8.92 -3.66 0.50
CA SER A 61 -10.22 -4.13 1.00
C SER A 61 -10.54 -3.51 2.37
N LEU A 62 -9.53 -3.46 3.22
CA LEU A 62 -9.68 -2.84 4.51
C LEU A 62 -10.12 -1.40 4.40
N TYR A 63 -9.43 -0.63 3.57
CA TYR A 63 -9.73 0.78 3.45
C TYR A 63 -11.10 0.99 2.75
N SER A 64 -11.43 0.11 1.81
CA SER A 64 -12.76 0.16 1.21
C SER A 64 -13.86 -0.14 2.23
N ASN A 65 -13.60 -1.10 3.10
CA ASN A 65 -14.51 -1.47 4.15
C ASN A 65 -14.67 -0.31 5.16
N PHE A 66 -13.59 0.41 5.35
CA PHE A 66 -13.57 1.58 6.25
C PHE A 66 -14.56 2.63 5.71
N LEU A 67 -14.54 2.87 4.41
CA LEU A 67 -15.48 3.81 3.81
C LEU A 67 -16.92 3.36 3.99
N ASP A 68 -17.18 2.04 3.86
CA ASP A 68 -18.52 1.48 4.01
C ASP A 68 -18.99 1.61 5.46
N THR A 69 -18.05 1.56 6.37
CA THR A 69 -18.38 1.64 7.80
C THR A 69 -18.58 3.10 8.25
N LEU A 70 -17.77 4.00 7.74
CA LEU A 70 -17.92 5.44 8.07
C LEU A 70 -19.27 6.00 7.55
N LYS A 71 -19.67 5.54 6.37
CA LYS A 71 -20.95 5.93 5.79
C LYS A 71 -21.10 7.45 5.67
N ASN A 72 -20.09 8.11 5.12
CA ASN A 72 -20.13 9.55 4.89
C ASN A 72 -20.02 9.82 3.40
N PRO A 73 -21.15 10.07 2.74
CA PRO A 73 -21.13 10.17 1.27
C PRO A 73 -20.34 11.36 0.73
N GLU A 74 -20.28 12.45 1.49
CA GLU A 74 -19.46 13.60 1.08
C GLU A 74 -18.01 13.22 1.10
N PHE A 75 -17.58 12.53 2.17
CA PHE A 75 -16.21 12.02 2.22
C PHE A 75 -15.90 11.07 1.09
N ASN A 76 -16.81 10.15 0.82
CA ASN A 76 -16.64 9.24 -0.30
C ASN A 76 -16.44 9.97 -1.63
N LYS A 77 -17.21 11.03 -1.84
CA LYS A 77 -17.03 11.84 -3.04
C LYS A 77 -15.63 12.48 -3.05
N MET A 78 -15.20 13.03 -1.92
CA MET A 78 -13.85 13.57 -1.82
C MET A 78 -12.79 12.54 -2.15
N VAL A 79 -12.96 11.32 -1.66
CA VAL A 79 -11.96 10.29 -1.87
C VAL A 79 -11.87 9.91 -3.35
N LEU A 80 -13.03 9.84 -3.99
CA LEU A 80 -13.10 9.50 -5.42
C LEU A 80 -12.46 10.60 -6.26
N ASN A 81 -12.79 11.85 -5.94
CA ASN A 81 -12.16 12.98 -6.63
C ASN A 81 -10.64 12.98 -6.46
N GLU A 82 -10.16 12.70 -5.24
CA GLU A 82 -8.73 12.64 -4.99
C GLU A 82 -8.06 11.47 -5.71
N THR A 83 -8.76 10.35 -5.83
CA THR A 83 -8.28 9.20 -6.57
C THR A 83 -8.07 9.60 -8.05
N TYR A 84 -9.08 10.20 -8.66
CA TYR A 84 -8.93 10.67 -10.03
C TYR A 84 -7.80 11.69 -10.16
N ARG A 85 -7.70 12.64 -9.24
CA ARG A 85 -6.65 13.66 -9.30
C ARG A 85 -5.24 13.04 -9.29
N ASN A 86 -4.99 12.12 -8.37
CA ASN A 86 -3.68 11.49 -8.27
C ASN A 86 -3.40 10.57 -9.48
N ILE A 87 -4.39 9.88 -9.99
CA ILE A 87 -4.25 9.15 -11.25
C ILE A 87 -3.79 10.09 -12.38
N LYS A 88 -4.45 11.25 -12.50
CA LYS A 88 -4.11 12.22 -13.51
C LYS A 88 -2.72 12.80 -13.37
N VAL A 89 -2.26 12.99 -12.14
CA VAL A 89 -0.89 13.42 -11.94
C VAL A 89 0.06 12.41 -12.57
N LEU A 90 -0.22 11.14 -12.38
CA LEU A 90 0.67 10.12 -12.90
C LEU A 90 0.47 9.95 -14.43
N LEU A 91 -0.76 10.04 -14.91
CA LEU A 91 -1.01 9.89 -16.35
C LEU A 91 -0.32 10.97 -17.18
N THR A 92 -0.14 12.17 -16.62
CA THR A 92 0.42 13.26 -17.39
C THR A 92 1.92 13.44 -17.14
N SER A 93 2.49 12.56 -16.31
CA SER A 93 3.93 12.60 -16.02
C SER A 93 4.76 12.16 -17.21
N ASP A 94 6.05 12.49 -17.18
CA ASP A 94 7.05 11.96 -18.11
C ASP A 94 7.30 10.47 -17.89
N LYS A 95 7.13 9.67 -18.94
CA LYS A 95 7.11 8.21 -18.78
C LYS A 95 8.45 7.56 -19.10
N ALA A 96 8.91 6.70 -18.19
CA ALA A 96 10.09 5.87 -18.42
C ALA A 96 9.84 4.45 -17.91
N ALA A 97 10.35 3.47 -18.64
CA ALA A 97 10.17 2.07 -18.23
C ALA A 97 10.80 1.84 -16.86
N ALA A 98 11.94 2.48 -16.61
CA ALA A 98 12.71 2.30 -15.38
C ALA A 98 12.00 2.86 -14.14
N ASN A 99 10.99 3.71 -14.34
CA ASN A 99 10.27 4.30 -13.22
C ASN A 99 9.23 3.34 -12.66
N PHE A 100 9.72 2.27 -12.05
CA PHE A 100 8.86 1.23 -11.52
C PHE A 100 7.94 1.76 -10.45
N SER A 101 8.46 2.71 -9.68
CA SER A 101 7.70 3.29 -8.60
C SER A 101 6.42 3.98 -9.08
N ASP A 102 6.55 4.91 -10.03
CA ASP A 102 5.38 5.61 -10.53
C ASP A 102 4.39 4.66 -11.20
N ARG A 103 4.92 3.69 -11.94
CA ARG A 103 4.06 2.68 -12.58
C ARG A 103 3.23 1.91 -11.55
N SER A 104 3.87 1.49 -10.46
CA SER A 104 3.20 0.80 -9.34
C SER A 104 2.17 1.67 -8.65
N LEU A 105 2.48 2.95 -8.43
CA LEU A 105 1.53 3.87 -7.84
C LEU A 105 0.28 3.97 -8.70
N LEU A 106 0.50 4.05 -9.98
CA LEU A 106 -0.65 4.14 -10.92
C LEU A 106 -1.46 2.85 -10.93
N LYS A 107 -0.80 1.71 -10.98
CA LYS A 107 -1.53 0.44 -10.88
C LYS A 107 -2.34 0.33 -9.59
N ASN A 108 -1.74 0.71 -8.47
CA ASN A 108 -2.46 0.64 -7.21
C ASN A 108 -3.67 1.58 -7.17
N LEU A 109 -3.55 2.78 -7.71
CA LEU A 109 -4.64 3.71 -7.73
C LEU A 109 -5.76 3.18 -8.66
N GLY A 110 -5.38 2.50 -9.72
CA GLY A 110 -6.34 1.88 -10.64
C GLY A 110 -7.08 0.77 -9.93
N HIS A 111 -6.36 -0.06 -9.20
CA HIS A 111 -6.98 -1.12 -8.44
C HIS A 111 -8.02 -0.56 -7.45
N TRP A 112 -7.59 0.46 -6.70
CA TRP A 112 -8.47 1.13 -5.76
C TRP A 112 -9.67 1.77 -6.46
N LEU A 113 -9.45 2.41 -7.59
CA LEU A 113 -10.53 3.07 -8.32
C LEU A 113 -11.61 2.06 -8.67
N GLY A 114 -11.21 0.90 -9.19
CA GLY A 114 -12.18 -0.13 -9.51
C GLY A 114 -12.96 -0.58 -8.30
N MET A 115 -12.29 -0.64 -7.16
CA MET A 115 -12.89 -1.18 -5.95
C MET A 115 -13.95 -0.23 -5.41
N ILE A 116 -13.76 1.08 -5.59
CA ILE A 116 -14.72 2.03 -5.04
C ILE A 116 -15.72 2.54 -6.06
N THR A 117 -15.63 2.07 -7.33
CA THR A 117 -16.62 2.39 -8.33
C THR A 117 -17.28 1.10 -8.78
N LEU A 118 -16.70 0.47 -9.78
CA LEU A 118 -17.32 -0.69 -10.41
C LEU A 118 -17.72 -1.76 -9.40
N ALA A 119 -16.85 -2.07 -8.42
CA ALA A 119 -17.15 -3.14 -7.47
C ALA A 119 -18.30 -2.80 -6.53
N LYS A 120 -18.68 -1.53 -6.49
CA LYS A 120 -19.80 -1.04 -5.70
C LYS A 120 -20.96 -0.67 -6.63
N ASN A 121 -20.86 -1.13 -7.87
CA ASN A 121 -21.89 -0.90 -8.89
C ASN A 121 -22.10 0.55 -9.23
N LYS A 122 -21.03 1.33 -9.11
CA LYS A 122 -21.04 2.74 -9.47
C LYS A 122 -20.18 2.93 -10.69
N PRO A 123 -20.60 3.79 -11.61
CA PRO A 123 -19.86 3.98 -12.86
C PRO A 123 -18.58 4.78 -12.72
N ILE A 124 -17.68 4.56 -13.66
CA ILE A 124 -16.59 5.47 -13.95
C ILE A 124 -17.11 6.34 -15.08
N LEU A 125 -17.37 7.59 -14.76
CA LEU A 125 -17.99 8.51 -15.70
C LEU A 125 -16.95 9.03 -16.68
N HIS A 126 -17.33 9.18 -17.95
CA HIS A 126 -16.38 9.61 -18.95
C HIS A 126 -15.86 11.02 -18.70
N THR A 127 -16.63 11.83 -17.98
CA THR A 127 -16.22 13.18 -17.59
C THR A 127 -15.07 13.18 -16.56
N ASP A 128 -14.93 12.10 -15.79
CA ASP A 128 -13.79 11.91 -14.89
C ASP A 128 -12.62 11.25 -15.57
N LEU A 129 -12.91 10.17 -16.29
CA LEU A 129 -11.89 9.37 -16.90
C LEU A 129 -12.50 8.58 -18.04
N ASP A 130 -12.01 8.83 -19.26
CA ASP A 130 -12.48 8.12 -20.43
C ASP A 130 -11.50 6.99 -20.74
N VAL A 131 -11.85 5.81 -20.29
CA VAL A 131 -10.91 4.69 -20.28
C VAL A 131 -10.59 4.21 -21.69
N LYS A 132 -11.62 4.07 -22.51
CA LYS A 132 -11.42 3.72 -23.91
C LYS A 132 -10.49 4.71 -24.62
N SER A 133 -10.76 6.00 -24.45
CA SER A 133 -9.94 6.99 -25.09
C SER A 133 -8.52 6.96 -24.59
N LEU A 134 -8.31 6.69 -23.29
CA LEU A 134 -6.97 6.57 -22.75
C LEU A 134 -6.14 5.51 -23.47
N LEU A 135 -6.75 4.36 -23.72
CA LEU A 135 -6.07 3.30 -24.44
C LEU A 135 -5.68 3.72 -25.87
N LEU A 136 -6.61 4.35 -26.56
CA LEU A 136 -6.36 4.80 -27.90
C LEU A 136 -5.25 5.85 -27.94
N GLU A 137 -5.24 6.76 -26.97
CA GLU A 137 -4.24 7.79 -26.90
C GLU A 137 -2.85 7.20 -26.62
N ALA A 138 -2.82 6.22 -25.71
CA ALA A 138 -1.59 5.53 -25.37
C ALA A 138 -1.00 4.89 -26.62
N TYR A 139 -1.86 4.21 -27.38
CA TYR A 139 -1.45 3.64 -28.66
C TYR A 139 -0.80 4.65 -29.59
N VAL A 140 -1.42 5.80 -29.74
CA VAL A 140 -0.89 6.85 -30.57
C VAL A 140 0.47 7.32 -30.11
N LYS A 141 0.63 7.43 -28.80
CA LYS A 141 1.81 8.11 -28.26
C LYS A 141 2.99 7.15 -28.10
N GLY A 142 2.72 5.85 -28.05
CA GLY A 142 3.79 4.86 -28.13
C GLY A 142 3.92 3.89 -26.97
N GLN A 143 4.98 3.09 -26.99
CA GLN A 143 5.11 1.95 -26.10
C GLN A 143 5.27 2.40 -24.65
N GLN A 144 5.94 3.53 -24.42
CA GLN A 144 6.16 4.01 -23.05
C GLN A 144 4.84 4.36 -22.36
N GLU A 145 3.91 4.99 -23.09
CA GLU A 145 2.59 5.28 -22.56
C GLU A 145 1.79 3.98 -22.38
N LEU A 146 1.88 3.06 -23.34
CA LEU A 146 1.15 1.80 -23.21
C LEU A 146 1.61 1.01 -22.00
N LEU A 147 2.90 1.07 -21.71
CA LEU A 147 3.46 0.36 -20.54
C LEU A 147 2.83 0.81 -19.22
N TYR A 148 2.47 2.09 -19.12
CA TYR A 148 1.77 2.59 -17.93
C TYR A 148 0.29 2.34 -17.98
N VAL A 149 -0.30 2.60 -19.14
CA VAL A 149 -1.74 2.64 -19.26
C VAL A 149 -2.37 1.24 -19.31
N VAL A 150 -1.81 0.29 -20.06
CA VAL A 150 -2.45 -1.00 -20.14
C VAL A 150 -2.53 -1.70 -18.78
N PRO A 151 -1.45 -1.71 -17.96
CA PRO A 151 -1.59 -2.37 -16.64
C PRO A 151 -2.53 -1.59 -15.70
N PHE A 152 -2.60 -0.29 -15.86
CA PHE A 152 -3.54 0.54 -15.09
C PHE A 152 -4.99 0.16 -15.44
N VAL A 153 -5.30 0.12 -16.72
CA VAL A 153 -6.67 -0.24 -17.12
C VAL A 153 -7.06 -1.64 -16.65
N ALA A 154 -6.13 -2.58 -16.73
CA ALA A 154 -6.37 -3.93 -16.23
C ALA A 154 -6.70 -3.92 -14.75
N LYS A 155 -5.96 -3.15 -13.96
CA LYS A 155 -6.24 -3.13 -12.53
C LYS A 155 -7.62 -2.53 -12.22
N VAL A 156 -8.02 -1.52 -12.98
CA VAL A 156 -9.37 -1.01 -12.87
C VAL A 156 -10.39 -2.07 -13.22
N LEU A 157 -10.25 -2.67 -14.39
CA LEU A 157 -11.29 -3.58 -14.87
C LEU A 157 -11.39 -4.88 -14.10
N GLU A 158 -10.37 -5.21 -13.31
CA GLU A 158 -10.41 -6.39 -12.47
C GLU A 158 -11.66 -6.44 -11.59
N SER A 159 -12.14 -5.26 -11.22
CA SER A 159 -13.28 -5.13 -10.34
C SER A 159 -14.61 -5.48 -11.01
N SER A 160 -14.64 -5.39 -12.34
CA SER A 160 -15.90 -5.49 -13.08
C SER A 160 -16.54 -6.84 -12.87
N ILE A 161 -15.73 -7.88 -12.70
CA ILE A 161 -16.29 -9.23 -12.55
C ILE A 161 -17.01 -9.36 -11.22
N ARG A 162 -16.69 -8.48 -10.27
CA ARG A 162 -17.33 -8.51 -8.98
C ARG A 162 -18.55 -7.58 -8.89
N SER A 163 -19.03 -7.12 -10.04
CA SER A 163 -20.16 -6.21 -10.14
C SER A 163 -21.31 -6.85 -10.91
N VAL A 164 -22.51 -6.88 -10.34
CA VAL A 164 -23.64 -7.42 -11.08
C VAL A 164 -23.91 -6.52 -12.26
N VAL A 165 -23.64 -5.23 -12.10
CA VAL A 165 -23.84 -4.28 -13.19
C VAL A 165 -22.76 -4.36 -14.29
N PHE A 166 -21.48 -4.29 -13.91
CA PHE A 166 -20.41 -4.08 -14.89
C PHE A 166 -19.68 -5.34 -15.33
N ARG A 167 -20.04 -6.50 -14.78
CA ARG A 167 -19.44 -7.74 -15.27
C ARG A 167 -19.82 -7.97 -16.74
N PRO A 168 -18.92 -8.64 -17.47
CA PRO A 168 -19.29 -9.03 -18.83
C PRO A 168 -20.64 -9.74 -18.86
N PRO A 169 -21.43 -9.48 -19.92
CA PRO A 169 -21.18 -8.68 -21.11
C PRO A 169 -21.64 -7.21 -21.04
N ASN A 170 -21.52 -6.55 -19.90
CA ASN A 170 -21.83 -5.12 -19.83
C ASN A 170 -21.20 -4.36 -21.00
N PRO A 171 -21.99 -3.57 -21.75
CA PRO A 171 -21.44 -2.96 -22.96
C PRO A 171 -20.28 -2.00 -22.73
N TRP A 172 -20.29 -1.27 -21.62
CA TRP A 172 -19.18 -0.37 -21.30
C TRP A 172 -17.88 -1.17 -21.07
N THR A 173 -17.99 -2.23 -20.29
CA THR A 173 -16.86 -3.10 -20.03
C THR A 173 -16.37 -3.78 -21.29
N MET A 174 -17.29 -4.29 -22.11
CA MET A 174 -16.88 -4.98 -23.32
C MET A 174 -16.26 -4.04 -24.38
N ALA A 175 -16.68 -2.78 -24.42
CA ALA A 175 -16.07 -1.82 -25.34
C ALA A 175 -14.59 -1.66 -25.02
N ILE A 176 -14.27 -1.61 -23.74
CA ILE A 176 -12.88 -1.52 -23.35
C ILE A 176 -12.15 -2.81 -23.67
N MET A 177 -12.79 -3.94 -23.38
CA MET A 177 -12.15 -5.21 -23.63
C MET A 177 -11.88 -5.38 -25.12
N ASN A 178 -12.76 -4.88 -25.98
CA ASN A 178 -12.54 -5.06 -27.40
C ASN A 178 -11.41 -4.19 -27.94
N VAL A 179 -11.20 -3.02 -27.33
CA VAL A 179 -10.01 -2.22 -27.66
C VAL A 179 -8.76 -2.96 -27.18
N LEU A 180 -8.80 -3.55 -25.99
CA LEU A 180 -7.66 -4.33 -25.52
C LEU A 180 -7.37 -5.52 -26.44
N ALA A 181 -8.42 -6.13 -26.98
CA ALA A 181 -8.30 -7.17 -27.98
C ALA A 181 -7.62 -6.67 -29.25
N GLU A 182 -7.96 -5.47 -29.71
CA GLU A 182 -7.24 -4.87 -30.84
C GLU A 182 -5.78 -4.64 -30.51
N LEU A 183 -5.50 -4.13 -29.32
CA LEU A 183 -4.11 -3.89 -28.95
C LEU A 183 -3.35 -5.18 -28.91
N HIS A 184 -4.00 -6.25 -28.43
CA HIS A 184 -3.36 -7.55 -28.28
C HIS A 184 -2.92 -8.10 -29.63
N GLN A 185 -3.61 -7.68 -30.69
CA GLN A 185 -3.23 -8.09 -32.05
C GLN A 185 -1.99 -7.43 -32.60
N GLU A 186 -1.62 -6.29 -32.04
CA GLU A 186 -0.55 -5.47 -32.62
C GLU A 186 0.80 -6.15 -32.60
N HIS A 187 1.47 -6.09 -33.74
CA HIS A 187 2.75 -6.73 -33.95
C HIS A 187 3.78 -6.31 -32.92
N ASP A 188 3.80 -5.04 -32.59
CA ASP A 188 4.87 -4.52 -31.73
C ASP A 188 4.37 -4.15 -30.35
N LEU A 189 3.19 -4.60 -29.96
CA LEU A 189 2.85 -4.53 -28.54
C LEU A 189 3.73 -5.53 -27.79
N LYS A 190 4.33 -5.05 -26.69
CA LYS A 190 5.25 -5.89 -25.93
C LYS A 190 4.57 -7.17 -25.44
N LEU A 191 5.28 -8.30 -25.48
CA LEU A 191 4.71 -9.55 -24.99
C LEU A 191 4.22 -9.43 -23.55
N ASN A 192 4.91 -8.67 -22.72
CA ASN A 192 4.46 -8.48 -21.34
C ASN A 192 3.08 -7.84 -21.29
N LEU A 193 2.79 -6.98 -22.27
CA LEU A 193 1.50 -6.29 -22.26
C LEU A 193 0.44 -7.18 -22.89
N LYS A 194 0.82 -8.01 -23.87
CA LYS A 194 -0.14 -9.01 -24.35
C LYS A 194 -0.54 -9.93 -23.19
N PHE A 195 0.41 -10.33 -22.36
CA PHE A 195 0.13 -11.17 -21.20
C PHE A 195 -0.78 -10.46 -20.19
N GLU A 196 -0.51 -9.18 -19.93
CA GLU A 196 -1.39 -8.40 -19.05
C GLU A 196 -2.84 -8.50 -19.52
N ILE A 197 -3.03 -8.38 -20.82
CA ILE A 197 -4.39 -8.43 -21.38
C ILE A 197 -4.98 -9.85 -21.22
N GLU A 198 -4.17 -10.87 -21.50
CA GLU A 198 -4.58 -12.26 -21.27
C GLU A 198 -4.96 -12.55 -19.80
N VAL A 199 -4.18 -12.04 -18.86
CA VAL A 199 -4.49 -12.25 -17.45
C VAL A 199 -5.80 -11.55 -17.06
N LEU A 200 -5.99 -10.32 -17.55
CA LEU A 200 -7.25 -9.63 -17.33
C LEU A 200 -8.42 -10.47 -17.84
N CYS A 201 -8.32 -10.99 -19.07
CA CYS A 201 -9.38 -11.85 -19.62
C CYS A 201 -9.66 -13.02 -18.67
N LYS A 202 -8.62 -13.71 -18.20
CA LYS A 202 -8.83 -14.84 -17.32
C LYS A 202 -9.50 -14.35 -16.03
N ASN A 203 -9.07 -13.21 -15.51
CA ASN A 203 -9.62 -12.68 -14.26
C ASN A 203 -11.11 -12.35 -14.44
N LEU A 204 -11.52 -12.12 -15.69
CA LEU A 204 -12.90 -11.78 -16.02
C LEU A 204 -13.68 -13.00 -16.57
N ALA A 205 -13.07 -14.18 -16.46
CA ALA A 205 -13.68 -15.43 -16.97
C ALA A 205 -14.04 -15.34 -18.45
N LEU A 206 -13.21 -14.62 -19.19
CA LEU A 206 -13.38 -14.40 -20.63
C LEU A 206 -12.30 -15.13 -21.42
N ASP A 207 -12.65 -15.68 -22.58
CA ASP A 207 -11.66 -16.18 -23.52
C ASP A 207 -11.31 -15.05 -24.47
N ILE A 208 -10.03 -14.75 -24.57
CA ILE A 208 -9.59 -13.63 -25.37
C ILE A 208 -9.99 -13.78 -26.83
N ASN A 209 -10.08 -15.04 -27.24
CA ASN A 209 -10.48 -15.38 -28.59
C ASN A 209 -11.97 -15.21 -28.88
N GLU A 210 -12.78 -14.96 -27.86
CA GLU A 210 -14.21 -14.73 -28.07
C GLU A 210 -14.52 -13.24 -28.12
N LEU A 211 -13.50 -12.42 -27.88
CA LEU A 211 -13.67 -10.97 -27.97
C LEU A 211 -13.79 -10.55 -29.43
N LYS A 212 -14.22 -9.30 -29.63
CA LYS A 212 -14.52 -8.77 -30.97
C LYS A 212 -13.71 -7.52 -31.26
N PRO A 213 -12.41 -7.66 -31.54
CA PRO A 213 -11.61 -6.49 -31.92
C PRO A 213 -12.16 -5.82 -33.17
N GLY A 214 -12.25 -4.49 -33.14
CA GLY A 214 -12.70 -3.74 -34.29
C GLY A 214 -11.51 -3.15 -35.04
N ASN A 215 -11.72 -1.95 -35.57
CA ASN A 215 -10.73 -1.28 -36.40
C ASN A 215 -10.41 0.12 -35.88
N LEU A 216 -10.55 0.31 -34.58
CA LEU A 216 -10.33 1.64 -34.03
C LEU A 216 -8.86 2.04 -34.19
N LEU A 217 -7.92 1.09 -34.09
CA LEU A 217 -6.50 1.45 -34.21
C LEU A 217 -6.08 1.82 -35.62
N LYS A 218 -6.91 1.51 -36.64
CA LYS A 218 -6.65 1.93 -38.00
C LYS A 218 -7.29 3.29 -38.32
N ASP A 219 -8.11 3.82 -37.41
CA ASP A 219 -8.87 5.05 -37.69
C ASP A 219 -8.02 6.27 -37.34
N LYS A 220 -7.18 6.69 -38.28
CA LYS A 220 -6.16 7.68 -37.96
C LYS A 220 -6.76 9.05 -37.65
N ASP A 221 -7.90 9.39 -38.26
CA ASP A 221 -8.54 10.66 -37.94
C ASP A 221 -9.09 10.66 -36.53
N ARG A 222 -9.65 9.53 -36.10
CA ARG A 222 -10.16 9.45 -34.75
C ARG A 222 -9.00 9.61 -33.78
N LEU A 223 -7.90 8.91 -34.05
CA LEU A 223 -6.76 8.89 -33.15
C LEU A 223 -6.08 10.24 -33.04
N LYS A 224 -6.14 11.02 -34.11
CA LYS A 224 -5.51 12.32 -34.16
C LYS A 224 -6.29 13.36 -33.37
N ASN A 225 -7.56 13.07 -33.09
CA ASN A 225 -8.44 14.06 -32.50
C ASN A 225 -9.01 13.70 -31.12
N LEU A 226 -8.29 12.89 -30.35
CA LEU A 226 -8.76 12.50 -29.04
C LEU A 226 -8.66 13.65 -28.04
N ASP A 227 -9.55 13.66 -27.05
CA ASP A 227 -9.51 14.59 -25.93
C ASP A 227 -8.39 14.08 -25.03
N GLU A 228 -7.28 14.80 -24.95
CA GLU A 228 -6.06 14.24 -24.36
C GLU A 228 -6.13 14.07 -22.86
N GLN A 229 -5.63 12.92 -22.40
CA GLN A 229 -5.58 12.58 -20.99
C GLN A 229 -4.16 12.28 -20.52
N LEU A 230 -3.23 12.14 -21.45
CA LEU A 230 -1.84 11.88 -21.08
C LEU A 230 -1.02 13.18 -21.19
N SER A 231 -1.71 14.29 -21.42
CA SER A 231 -1.19 15.66 -21.25
C SER A 231 -2.38 16.60 -21.15
N LYS B 6 20.30 -5.62 4.11
CA LYS B 6 20.54 -4.58 3.11
C LYS B 6 19.31 -4.47 2.20
N GLY B 7 19.12 -3.30 1.59
CA GLY B 7 17.91 -2.99 0.84
C GLY B 7 16.94 -2.16 1.68
N VAL B 8 17.32 -1.85 2.92
CA VAL B 8 16.44 -1.08 3.82
C VAL B 8 17.19 0.12 4.43
N THR B 9 16.46 1.23 4.57
CA THR B 9 17.00 2.46 5.12
C THR B 9 17.05 2.36 6.63
N GLN B 10 18.22 2.62 7.23
CA GLN B 10 18.38 2.42 8.66
C GLN B 10 18.61 3.75 9.37
N TYR B 11 17.85 4.00 10.42
CA TYR B 11 18.01 5.21 11.19
C TYR B 11 18.14 4.87 12.66
N TYR B 12 18.61 5.83 13.42
CA TYR B 12 18.54 5.69 14.86
C TYR B 12 18.06 6.98 15.48
N ALA B 13 17.53 6.85 16.69
CA ALA B 13 17.33 8.02 17.56
C ALA B 13 17.88 7.70 18.93
N TYR B 14 18.56 8.68 19.54
CA TYR B 14 18.98 8.58 20.90
C TYR B 14 17.76 8.80 21.79
N VAL B 15 17.52 7.88 22.69
CA VAL B 15 16.42 7.95 23.64
C VAL B 15 16.92 7.45 24.98
N THR B 16 16.14 7.69 26.02
CA THR B 16 16.36 7.00 27.29
C THR B 16 15.36 5.89 27.38
N GLU B 17 15.68 4.84 28.13
CA GLU B 17 14.70 3.78 28.38
C GLU B 17 13.28 4.31 28.71
N ARG B 18 13.21 5.28 29.63
CA ARG B 18 11.93 5.87 30.07
C ARG B 18 11.14 6.48 28.93
N GLN B 19 11.83 6.95 27.89
CA GLN B 19 11.19 7.69 26.82
C GLN B 19 10.82 6.81 25.65
N LYS B 20 11.14 5.53 25.72
CA LYS B 20 10.93 4.70 24.53
C LYS B 20 9.46 4.64 24.10
N VAL B 21 8.52 4.53 25.03
CA VAL B 21 7.12 4.35 24.60
C VAL B 21 6.63 5.68 23.99
N HIS B 22 7.00 6.80 24.60
CA HIS B 22 6.74 8.10 23.97
C HIS B 22 7.30 8.15 22.53
N CYS B 23 8.53 7.69 22.33
CA CYS B 23 9.11 7.70 20.99
C CYS B 23 8.30 6.81 20.03
N LEU B 24 7.95 5.62 20.50
CA LEU B 24 7.12 4.71 19.71
C LEU B 24 5.80 5.38 19.29
N ASN B 25 5.14 6.04 20.23
CA ASN B 25 3.87 6.69 19.92
C ASN B 25 4.06 7.75 18.83
N THR B 26 5.17 8.48 18.89
CA THR B 26 5.47 9.47 17.88
C THR B 26 5.72 8.80 16.53
N LEU B 27 6.55 7.76 16.52
CA LEU B 27 6.83 7.07 15.28
C LEU B 27 5.54 6.57 14.61
N PHE B 28 4.63 6.02 15.42
CA PHE B 28 3.40 5.44 14.89
C PHE B 28 2.36 6.51 14.57
N SER B 29 2.70 7.77 14.87
CA SER B 29 1.91 8.91 14.48
C SER B 29 2.51 9.69 13.31
N ARG B 30 3.68 9.27 12.83
CA ARG B 30 4.34 10.04 11.76
C ARG B 30 4.66 9.17 10.53
N LEU B 31 5.01 7.92 10.76
CA LEU B 31 5.37 7.02 9.67
C LEU B 31 4.13 6.47 8.97
N GLN B 32 4.31 5.97 7.74
CA GLN B 32 3.31 5.15 7.06
C GLN B 32 3.66 3.70 7.27
N ILE B 33 2.90 3.06 8.16
CA ILE B 33 3.18 1.68 8.51
C ILE B 33 2.16 0.78 7.86
N ASN B 34 2.66 -0.13 7.02
CA ASN B 34 1.80 -1.10 6.37
C ASN B 34 1.60 -2.20 7.40
N GLN B 35 2.62 -3.02 7.59
CA GLN B 35 2.80 -3.76 8.87
C GLN B 35 4.17 -3.54 9.45
N SER B 36 4.32 -3.71 10.76
CA SER B 36 5.62 -3.55 11.39
C SER B 36 5.91 -4.71 12.31
N ILE B 37 7.20 -4.91 12.55
CA ILE B 37 7.67 -5.79 13.61
C ILE B 37 8.49 -4.92 14.55
N ILE B 38 8.18 -5.05 15.83
CA ILE B 38 8.81 -4.31 16.90
C ILE B 38 9.59 -5.32 17.76
N PHE B 39 10.91 -5.22 17.76
CA PHE B 39 11.74 -6.17 18.51
C PHE B 39 12.14 -5.64 19.87
N CYS B 40 12.05 -6.53 20.86
CA CYS B 40 12.56 -6.30 22.22
C CYS B 40 13.54 -7.38 22.55
N ASN B 41 14.33 -7.15 23.59
CA ASN B 41 15.43 -8.06 23.89
C ASN B 41 15.10 -9.20 24.84
N SER B 42 13.88 -9.26 25.36
CA SER B 42 13.46 -10.38 26.21
C SER B 42 11.96 -10.65 26.10
N SER B 43 11.56 -11.86 26.47
CA SER B 43 10.14 -12.22 26.47
C SER B 43 9.35 -11.33 27.42
N GLN B 44 9.90 -11.05 28.60
CA GLN B 44 9.15 -10.24 29.56
C GLN B 44 8.89 -8.85 28.97
N ARG B 45 9.87 -8.32 28.25
CA ARG B 45 9.77 -6.95 27.75
C ARG B 45 8.80 -6.90 26.57
N VAL B 46 8.79 -7.97 25.78
CA VAL B 46 7.82 -8.09 24.69
C VAL B 46 6.40 -8.07 25.22
N GLU B 47 6.13 -8.91 26.21
CA GLU B 47 4.79 -9.05 26.72
C GLU B 47 4.29 -7.78 27.41
N LEU B 48 5.15 -7.17 28.21
CA LEU B 48 4.79 -5.93 28.85
C LEU B 48 4.50 -4.82 27.83
N LEU B 49 5.42 -4.64 26.89
CA LEU B 49 5.21 -3.64 25.84
C LEU B 49 3.90 -3.88 25.08
N ALA B 50 3.66 -5.12 24.69
CA ALA B 50 2.49 -5.44 23.86
C ALA B 50 1.18 -5.18 24.61
N LYS B 51 1.13 -5.59 25.86
CA LYS B 51 -0.08 -5.36 26.64
C LYS B 51 -0.33 -3.86 26.78
N LYS B 52 0.76 -3.13 26.99
CA LYS B 52 0.67 -1.70 27.17
C LYS B 52 0.19 -0.97 25.90
N ILE B 53 0.81 -1.24 24.76
CA ILE B 53 0.42 -0.50 23.54
C ILE B 53 -0.93 -1.00 23.07
N SER B 54 -1.25 -2.27 23.33
CA SER B 54 -2.63 -2.73 23.08
C SER B 54 -3.68 -1.91 23.83
N GLN B 55 -3.43 -1.60 25.10
CA GLN B 55 -4.36 -0.81 25.92
C GLN B 55 -4.52 0.60 25.35
N LEU B 56 -3.51 1.09 24.64
CA LEU B 56 -3.51 2.44 24.09
C LEU B 56 -4.11 2.51 22.69
N GLY B 57 -4.52 1.37 22.16
CA GLY B 57 -5.19 1.35 20.87
C GLY B 57 -4.34 0.89 19.69
N TYR B 58 -3.13 0.42 19.95
CA TYR B 58 -2.39 -0.18 18.85
C TYR B 58 -3.06 -1.50 18.45
N SER B 59 -2.89 -1.86 17.17
CA SER B 59 -3.28 -3.20 16.68
C SER B 59 -2.06 -4.11 16.74
N CYS B 60 -1.98 -5.01 17.72
CA CYS B 60 -0.75 -5.82 17.81
C CYS B 60 -0.95 -7.21 18.41
N PHE B 61 -0.17 -8.14 17.87
CA PHE B 61 0.00 -9.47 18.43
C PHE B 61 1.38 -9.49 19.06
N TYR B 62 1.67 -10.48 19.90
CA TYR B 62 3.03 -10.67 20.34
C TYR B 62 3.43 -12.15 20.33
N ILE B 63 4.73 -12.36 20.17
CA ILE B 63 5.35 -13.66 20.11
C ILE B 63 6.63 -13.60 20.94
N HIS B 64 6.89 -14.65 21.72
CA HIS B 64 8.17 -14.73 22.41
C HIS B 64 8.50 -16.15 22.81
N ALA B 65 9.52 -16.34 23.65
CA ALA B 65 10.00 -17.70 23.93
C ALA B 65 9.12 -18.54 24.81
N LYS B 66 8.35 -17.91 25.68
CA LYS B 66 7.60 -18.68 26.65
C LYS B 66 6.21 -18.95 26.10
N MET B 67 6.23 -19.46 24.87
CA MET B 67 5.05 -19.94 24.17
C MET B 67 5.38 -21.22 23.46
N ARG B 68 4.36 -22.03 23.21
CA ARG B 68 4.53 -23.24 22.43
C ARG B 68 4.75 -22.84 20.96
N GLN B 69 5.54 -23.64 20.24
CA GLN B 69 5.81 -23.34 18.83
C GLN B 69 4.52 -23.31 18.04
N GLU B 70 3.59 -24.19 18.38
CA GLU B 70 2.34 -24.26 17.67
C GLU B 70 1.57 -22.95 17.75
N HIS B 71 1.64 -22.34 18.93
CA HIS B 71 0.98 -21.07 19.15
C HIS B 71 1.66 -19.94 18.38
N ARG B 72 3.00 -19.95 18.39
CA ARG B 72 3.74 -18.94 17.66
C ARG B 72 3.40 -19.05 16.17
N ASN B 73 3.24 -20.29 15.70
CA ASN B 73 2.95 -20.48 14.28
C ASN B 73 1.58 -19.94 13.94
N ARG B 74 0.61 -20.10 14.85
CA ARG B 74 -0.73 -19.57 14.66
C ARG B 74 -0.72 -18.04 14.65
N VAL B 75 0.00 -17.43 15.58
CA VAL B 75 0.08 -15.99 15.60
C VAL B 75 0.78 -15.43 14.34
N PHE B 76 1.87 -16.06 13.88
CA PHE B 76 2.53 -15.58 12.66
C PHE B 76 1.58 -15.66 11.48
N HIS B 77 0.84 -16.78 11.42
CA HIS B 77 -0.09 -17.02 10.32
C HIS B 77 -1.14 -15.92 10.29
N ASP B 78 -1.71 -15.64 11.45
CA ASP B 78 -2.73 -14.59 11.58
C ASP B 78 -2.15 -13.19 11.29
N PHE B 79 -0.92 -12.96 11.68
CA PHE B 79 -0.24 -11.70 11.39
C PHE B 79 -0.04 -11.51 9.88
N ARG B 80 0.41 -12.56 9.21
CA ARG B 80 0.56 -12.50 7.75
C ARG B 80 -0.79 -12.21 7.07
N ASN B 81 -1.88 -12.67 7.68
CA ASN B 81 -3.20 -12.45 7.09
C ASN B 81 -3.75 -11.06 7.46
N GLY B 82 -2.96 -10.28 8.18
CA GLY B 82 -3.32 -8.92 8.52
C GLY B 82 -4.34 -8.77 9.64
N LEU B 83 -4.48 -9.77 10.51
CA LEU B 83 -5.47 -9.68 11.56
C LEU B 83 -5.04 -8.61 12.59
N CYS B 84 -3.73 -8.38 12.69
CA CYS B 84 -3.19 -7.24 13.40
CA CYS B 84 -3.17 -7.25 13.41
C CYS B 84 -2.17 -6.55 12.50
N ARG B 85 -1.92 -5.27 12.75
CA ARG B 85 -0.98 -4.50 11.95
C ARG B 85 0.46 -4.63 12.39
N ASN B 86 0.69 -4.84 13.69
CA ASN B 86 2.04 -4.88 14.24
C ASN B 86 2.29 -6.14 15.06
N LEU B 87 3.53 -6.59 15.02
CA LEU B 87 3.96 -7.72 15.84
C LEU B 87 5.09 -7.31 16.75
N VAL B 88 4.91 -7.51 18.05
CA VAL B 88 5.99 -7.35 19.03
C VAL B 88 6.61 -8.72 19.32
N CYS B 89 7.94 -8.86 19.22
CA CYS B 89 8.54 -10.17 19.40
C CYS B 89 10.02 -10.10 19.77
N THR B 90 10.54 -11.26 20.17
CA THR B 90 11.96 -11.46 20.34
C THR B 90 12.62 -12.08 19.11
N ASP B 91 13.94 -12.17 19.17
CA ASP B 91 14.81 -12.65 18.09
C ASP B 91 14.63 -14.07 17.65
N LEU B 92 14.51 -14.92 18.65
CA LEU B 92 14.89 -16.30 18.47
C LEU B 92 13.99 -16.94 17.45
N PHE B 93 12.79 -16.38 17.29
CA PHE B 93 11.70 -17.10 16.63
C PHE B 93 11.20 -16.49 15.33
N THR B 94 11.95 -15.51 14.80
CA THR B 94 11.58 -14.85 13.56
C THR B 94 12.45 -15.36 12.40
N ARG B 95 13.21 -16.41 12.66
CA ARG B 95 14.04 -17.04 11.63
C ARG B 95 13.21 -17.43 10.43
N GLY B 96 13.56 -16.88 9.27
CA GLY B 96 12.96 -17.27 8.02
C GLY B 96 11.56 -16.75 7.80
N ILE B 97 11.11 -15.79 8.61
CA ILE B 97 9.78 -15.22 8.41
C ILE B 97 9.85 -14.13 7.35
N ASP B 98 8.94 -14.23 6.39
CA ASP B 98 8.90 -13.36 5.23
C ASP B 98 7.46 -12.94 5.02
N ILE B 99 7.12 -11.76 5.54
CA ILE B 99 5.81 -11.17 5.37
C ILE B 99 6.02 -9.93 4.53
N GLN B 100 5.56 -9.99 3.29
CA GLN B 100 5.86 -8.97 2.29
C GLN B 100 5.41 -7.58 2.71
N ALA B 101 4.36 -7.53 3.51
CA ALA B 101 3.75 -6.26 3.89
C ALA B 101 4.53 -5.52 4.96
N VAL B 102 5.49 -6.19 5.59
CA VAL B 102 6.22 -5.53 6.67
C VAL B 102 7.19 -4.54 6.05
N ASN B 103 6.96 -3.24 6.26
CA ASN B 103 7.78 -2.22 5.65
C ASN B 103 8.59 -1.48 6.69
N VAL B 104 8.30 -1.76 7.96
CA VAL B 104 9.00 -1.08 9.07
C VAL B 104 9.40 -2.09 10.14
N VAL B 105 10.67 -2.06 10.51
CA VAL B 105 11.13 -2.75 11.70
C VAL B 105 11.57 -1.71 12.72
N ILE B 106 11.09 -1.85 13.95
CA ILE B 106 11.54 -1.00 15.08
C ILE B 106 12.32 -1.85 16.05
N ASN B 107 13.60 -1.51 16.23
CA ASN B 107 14.37 -2.09 17.31
C ASN B 107 14.11 -1.26 18.53
N PHE B 108 13.06 -1.62 19.23
CA PHE B 108 12.67 -0.95 20.47
C PHE B 108 13.78 -1.12 21.51
N ASP B 109 14.37 -2.31 21.55
CA ASP B 109 15.63 -2.56 22.23
C ASP B 109 16.66 -2.81 21.14
N PHE B 110 17.78 -2.11 21.18
CA PHE B 110 18.86 -2.34 20.24
C PHE B 110 19.56 -3.67 20.54
N PRO B 111 19.81 -4.47 19.49
CA PRO B 111 20.45 -5.75 19.79
C PRO B 111 21.93 -5.60 20.09
N LYS B 112 22.55 -6.71 20.48
CA LYS B 112 23.93 -6.67 20.95
C LYS B 112 24.89 -7.16 19.89
N LEU B 113 24.35 -7.79 18.84
CA LEU B 113 25.17 -8.48 17.84
C LEU B 113 24.84 -8.06 16.42
N ALA B 114 25.86 -8.00 15.57
CA ALA B 114 25.64 -7.70 14.15
C ALA B 114 24.73 -8.75 13.50
N GLU B 115 24.94 -10.03 13.84
CA GLU B 115 24.15 -11.11 13.23
C GLU B 115 22.67 -10.93 13.53
N THR B 116 22.36 -10.58 14.77
CA THR B 116 20.99 -10.39 15.21
C THR B 116 20.38 -9.15 14.56
N TYR B 117 21.20 -8.10 14.48
CA TYR B 117 20.77 -6.85 13.87
C TYR B 117 20.36 -7.10 12.41
N LEU B 118 21.20 -7.81 11.66
CA LEU B 118 20.92 -8.07 10.24
C LEU B 118 19.69 -8.94 10.06
N HIS B 119 19.55 -9.93 10.92
CA HIS B 119 18.38 -10.76 10.84
C HIS B 119 17.13 -9.94 11.08
N ARG B 120 17.16 -9.09 12.10
CA ARG B 120 15.99 -8.29 12.41
C ARG B 120 15.62 -7.32 11.30
N ILE B 121 16.56 -6.51 10.81
CA ILE B 121 16.19 -5.47 9.84
C ILE B 121 15.86 -6.08 8.48
N GLY B 122 16.38 -7.27 8.22
CA GLY B 122 16.00 -8.02 7.02
C GLY B 122 14.51 -8.34 6.96
N ARG B 123 13.81 -8.25 8.09
CA ARG B 123 12.37 -8.50 8.08
C ARG B 123 11.59 -7.41 7.31
N SER B 124 12.16 -6.22 7.09
CA SER B 124 11.46 -5.15 6.35
C SER B 124 11.94 -5.01 4.93
N GLY B 125 12.86 -5.87 4.51
CA GLY B 125 13.45 -5.79 3.19
C GLY B 125 12.90 -6.88 2.29
N ARG B 126 12.15 -6.47 1.28
CA ARG B 126 11.52 -7.37 0.33
C ARG B 126 11.91 -6.93 -1.06
N PHE B 127 12.19 -7.88 -1.94
CA PHE B 127 12.63 -7.45 -3.25
C PHE B 127 11.51 -6.63 -3.86
N GLY B 128 11.89 -5.47 -4.41
CA GLY B 128 10.95 -4.59 -5.04
C GLY B 128 10.15 -3.74 -4.07
N HIS B 129 10.56 -3.72 -2.80
CA HIS B 129 9.90 -2.90 -1.78
C HIS B 129 10.93 -2.28 -0.84
N LEU B 130 10.81 -0.97 -0.62
CA LEU B 130 11.68 -0.27 0.27
C LEU B 130 11.23 -0.51 1.70
N GLY B 131 12.18 -0.72 2.60
CA GLY B 131 11.87 -0.91 4.01
C GLY B 131 12.67 0.09 4.83
N LEU B 132 12.30 0.17 6.10
CA LEU B 132 12.83 1.14 7.03
C LEU B 132 13.09 0.40 8.33
N ALA B 133 14.25 0.62 8.94
CA ALA B 133 14.52 0.08 10.25
C ALA B 133 14.81 1.27 11.15
N ILE B 134 14.13 1.35 12.28
CA ILE B 134 14.36 2.45 13.23
C ILE B 134 14.87 1.86 14.53
N ASN B 135 16.02 2.38 14.98
CA ASN B 135 16.69 1.88 16.17
C ASN B 135 16.60 2.90 17.29
N LEU B 136 16.07 2.47 18.43
CA LEU B 136 16.03 3.28 19.64
C LEU B 136 17.31 2.98 20.41
N ILE B 137 18.16 3.99 20.56
CA ILE B 137 19.51 3.83 21.11
C ILE B 137 19.61 4.57 22.43
N THR B 138 19.93 3.84 23.51
CA THR B 138 20.25 4.52 24.78
C THR B 138 21.75 4.73 24.87
N TYR B 139 22.18 5.52 25.85
CA TYR B 139 23.60 5.67 26.10
C TYR B 139 24.33 4.32 26.22
N ASP B 140 23.69 3.38 26.89
CA ASP B 140 24.26 2.06 27.10
C ASP B 140 24.44 1.24 25.82
N ASP B 141 23.76 1.64 24.75
CA ASP B 141 23.85 0.92 23.48
C ASP B 141 24.97 1.39 22.57
N ARG B 142 25.68 2.44 22.98
CA ARG B 142 26.71 3.06 22.15
C ARG B 142 27.84 2.15 21.70
N PHE B 143 28.34 1.29 22.58
CA PHE B 143 29.43 0.41 22.16
C PHE B 143 28.95 -0.63 21.16
N ASN B 144 27.77 -1.18 21.37
CA ASN B 144 27.25 -2.18 20.43
C ASN B 144 26.89 -1.52 19.09
N LEU B 145 26.38 -0.30 19.12
CA LEU B 145 26.11 0.42 17.87
C LEU B 145 27.40 0.56 17.05
N LYS B 146 28.50 0.91 17.70
CA LYS B 146 29.78 1.08 16.98
C LYS B 146 30.28 -0.22 16.43
N SER B 147 30.18 -1.26 17.24
CA SER B 147 30.68 -2.57 16.85
C SER B 147 29.92 -3.01 15.60
N ILE B 148 28.60 -2.83 15.64
CA ILE B 148 27.77 -3.31 14.55
C ILE B 148 28.04 -2.49 13.29
N GLU B 149 28.14 -1.16 13.44
CA GLU B 149 28.47 -0.32 12.29
C GLU B 149 29.83 -0.71 11.68
N GLU B 150 30.80 -1.03 12.53
CA GLU B 150 32.13 -1.41 12.07
C GLU B 150 32.09 -2.72 11.29
N GLN B 151 31.38 -3.70 11.82
CA GLN B 151 31.33 -5.03 11.21
C GLN B 151 30.63 -5.01 9.86
N LEU B 152 29.59 -4.18 9.72
CA LEU B 152 28.79 -4.14 8.50
C LEU B 152 29.37 -3.15 7.50
N GLY B 153 30.29 -2.32 7.95
CA GLY B 153 30.82 -1.26 7.13
C GLY B 153 29.74 -0.28 6.71
N THR B 154 28.81 0.01 7.63
CA THR B 154 27.71 0.92 7.32
C THR B 154 27.50 1.91 8.45
N GLU B 155 26.98 3.07 8.09
CA GLU B 155 26.65 4.12 9.05
C GLU B 155 25.15 4.22 9.21
N ILE B 156 24.67 4.01 10.43
CA ILE B 156 23.26 4.19 10.69
C ILE B 156 23.01 5.67 10.93
N LYS B 157 22.18 6.26 10.09
CA LYS B 157 21.98 7.70 10.10
C LYS B 157 20.92 8.12 11.12
N PRO B 158 21.04 9.35 11.65
CA PRO B 158 20.00 9.84 12.55
C PRO B 158 18.65 10.02 11.83
N ILE B 159 17.57 9.75 12.55
CA ILE B 159 16.22 9.99 12.03
C ILE B 159 16.11 11.38 11.39
N PRO B 160 15.49 11.46 10.19
CA PRO B 160 15.31 12.80 9.63
C PRO B 160 14.42 13.68 10.49
N SER B 161 14.57 14.99 10.35
CA SER B 161 13.90 15.98 11.19
C SER B 161 12.38 15.86 11.15
N ASN B 162 11.85 15.53 9.98
CA ASN B 162 10.42 15.30 9.82
C ASN B 162 9.99 14.08 10.63
N ILE B 163 10.93 13.16 10.84
CA ILE B 163 10.68 11.92 11.57
C ILE B 163 9.63 11.08 10.85
#